data_1X3G
#
_entry.id   1X3G
#
_cell.length_a   79.886
_cell.length_b   79.886
_cell.length_c   81.288
_cell.angle_alpha   90.00
_cell.angle_beta   90.00
_cell.angle_gamma   120.00
#
_symmetry.space_group_name_H-M   'P 31 2 1'
#
loop_
_entity.id
_entity.type
_entity.pdbx_description
1 polymer 'Single-strand binding protein'
2 non-polymer 'CADMIUM ION'
3 water water
#
_entity_poly.entity_id   1
_entity_poly.type   'polypeptide(L)'
_entity_poly.pdbx_seq_one_letter_code
;MAGDTTITVVGNLTADPELRFTPSGAAVANFTVASTPRMFDRQSGEWKDGEALFLRCNIWREAAENVAESLTRGSRVIVT
GRLKQRSFETREGEKRTVVEVEVDEIGPSLRYATAKVNKASRSGGGGGGFGSGGGGSRQSEPKDDPWGSAPASGSFSGAD
DEPPF
;
_entity_poly.pdbx_strand_id   A,B
#
loop_
_chem_comp.id
_chem_comp.type
_chem_comp.name
_chem_comp.formula
CD non-polymer 'CADMIUM ION' 'Cd 2'
#
# COMPACT_ATOMS: atom_id res chain seq x y z
N GLY A 3 -15.41 -14.77 -0.96
CA GLY A 3 -14.44 -15.13 -2.10
C GLY A 3 -14.21 -14.04 -3.18
N ASP A 4 -13.87 -12.84 -2.74
CA ASP A 4 -13.56 -11.73 -3.64
C ASP A 4 -12.14 -11.73 -4.08
N THR A 5 -12.00 -11.33 -5.35
CA THR A 5 -10.73 -11.22 -6.07
C THR A 5 -10.11 -9.90 -5.69
N THR A 6 -8.97 -9.95 -5.06
CA THR A 6 -8.33 -8.69 -4.67
C THR A 6 -7.02 -8.48 -5.45
N ILE A 7 -6.56 -7.21 -5.55
CA ILE A 7 -5.29 -6.93 -6.17
C ILE A 7 -4.57 -5.83 -5.53
N THR A 8 -3.25 -5.87 -5.66
CA THR A 8 -2.41 -4.78 -5.21
C THR A 8 -1.94 -4.10 -6.46
N VAL A 9 -1.89 -2.77 -6.42
CA VAL A 9 -1.43 -2.02 -7.57
C VAL A 9 -0.58 -0.86 -7.16
N VAL A 10 0.58 -0.76 -7.80
CA VAL A 10 1.46 0.38 -7.63
C VAL A 10 1.49 1.19 -8.91
N GLY A 11 1.43 2.48 -8.77
CA GLY A 11 1.44 3.34 -9.90
C GLY A 11 1.18 4.77 -9.48
N ASN A 12 1.02 5.65 -10.48
CA ASN A 12 0.84 7.06 -10.22
C ASN A 12 -0.56 7.49 -10.55
N LEU A 13 -1.08 8.48 -9.83
CA LEU A 13 -2.43 8.93 -10.10
C LEU A 13 -2.36 9.74 -11.40
N THR A 14 -3.39 9.64 -12.20
CA THR A 14 -3.40 10.34 -13.46
C THR A 14 -4.03 11.71 -13.38
N ALA A 15 -4.61 12.01 -12.24
CA ALA A 15 -5.37 13.24 -12.09
C ALA A 15 -5.75 13.33 -10.67
N ASP A 16 -5.65 14.56 -10.15
CA ASP A 16 -6.08 14.88 -8.80
C ASP A 16 -7.34 14.11 -8.35
N PRO A 17 -7.41 13.72 -7.09
CA PRO A 17 -8.60 13.00 -6.66
C PRO A 17 -9.85 13.93 -6.78
N GLU A 18 -11.03 13.32 -6.90
CA GLU A 18 -12.26 14.01 -7.11
C GLU A 18 -13.12 13.77 -5.92
N LEU A 19 -12.91 14.50 -4.85
CA LEU A 19 -13.80 14.35 -3.71
C LEU A 19 -15.21 14.83 -4.06
N ARG A 20 -16.20 14.09 -3.56
CA ARG A 20 -17.61 14.45 -3.70
C ARG A 20 -18.32 14.01 -2.45
N PHE A 21 -19.44 14.66 -2.16
CA PHE A 21 -20.25 14.27 -1.04
C PHE A 21 -21.62 13.75 -1.50
N THR A 22 -22.02 12.61 -0.97
CA THR A 22 -23.38 12.11 -1.19
C THR A 22 -24.31 13.00 -0.30
N PRO A 23 -25.55 13.28 -0.77
CA PRO A 23 -26.50 14.10 0.02
C PRO A 23 -26.86 13.43 1.35
N SER A 24 -26.39 12.19 1.54
CA SER A 24 -26.58 11.41 2.76
C SER A 24 -25.46 11.67 3.74
N GLY A 25 -24.63 12.68 3.41
CA GLY A 25 -23.48 13.08 4.22
C GLY A 25 -22.19 12.26 4.12
N ALA A 26 -22.15 11.22 3.27
CA ALA A 26 -20.97 10.35 3.13
C ALA A 26 -20.04 10.94 2.07
N ALA A 27 -18.75 10.74 2.25
CA ALA A 27 -17.75 11.29 1.33
C ALA A 27 -17.15 10.20 0.44
N VAL A 28 -16.83 10.57 -0.81
CA VAL A 28 -16.28 9.63 -1.83
C VAL A 28 -15.13 10.15 -2.69
N ALA A 29 -14.13 9.33 -2.92
CA ALA A 29 -13.00 9.76 -3.76
C ALA A 29 -12.86 8.88 -4.99
N ASN A 30 -12.66 9.52 -6.12
CA ASN A 30 -12.48 8.81 -7.35
C ASN A 30 -11.14 9.23 -7.95
N PHE A 31 -10.34 8.28 -8.36
CA PHE A 31 -9.03 8.56 -8.92
C PHE A 31 -8.69 7.38 -9.74
N THR A 32 -7.97 7.54 -10.85
CA THR A 32 -7.50 6.36 -11.52
C THR A 32 -5.99 6.22 -11.45
N VAL A 33 -5.53 5.02 -11.18
CA VAL A 33 -4.12 4.71 -11.15
C VAL A 33 -3.60 4.20 -12.48
N ALA A 34 -2.45 4.71 -12.89
CA ALA A 34 -1.73 4.28 -14.09
C ALA A 34 -0.53 3.56 -13.57
N SER A 35 -0.37 2.31 -13.95
CA SER A 35 0.72 1.48 -13.50
C SER A 35 1.52 1.14 -14.73
N THR A 36 2.82 1.33 -14.68
CA THR A 36 3.63 1.07 -15.85
C THR A 36 4.96 0.36 -15.54
N PRO A 37 5.10 -0.88 -16.00
CA PRO A 37 6.37 -1.59 -15.87
C PRO A 37 7.55 -0.76 -16.43
N ARG A 38 8.79 -1.11 -16.04
CA ARG A 38 9.97 -0.40 -16.53
C ARG A 38 11.28 -1.12 -16.26
N MET A 39 11.68 -2.05 -17.14
CA MET A 39 13.03 -2.69 -17.04
C MET A 39 14.06 -1.80 -17.74
N PHE A 40 15.35 -2.11 -17.61
CA PHE A 40 16.36 -1.18 -18.13
C PHE A 40 17.32 -1.72 -19.21
N ASP A 41 18.11 -0.77 -19.76
CA ASP A 41 19.34 -1.02 -20.56
C ASP A 41 19.20 -1.81 -21.88
N ARG A 42 19.75 -1.20 -22.96
CA ARG A 42 19.70 -1.68 -24.39
C ARG A 42 18.32 -1.63 -25.11
N TRP A 47 17.03 -0.13 -23.36
CA TRP A 47 16.08 -0.69 -22.43
C TRP A 47 15.50 0.29 -21.41
N LYS A 48 14.17 0.46 -21.52
CA LYS A 48 13.35 1.28 -20.63
C LYS A 48 11.86 1.21 -20.99
N ASP A 49 10.99 1.40 -19.98
CA ASP A 49 9.54 1.52 -20.22
C ASP A 49 8.90 0.19 -20.65
N GLY A 50 7.62 0.23 -20.99
CA GLY A 50 6.91 -0.96 -21.45
C GLY A 50 5.51 -1.08 -20.87
N GLU A 51 4.47 -1.13 -21.72
CA GLU A 51 3.07 -1.40 -21.32
C GLU A 51 2.49 -0.42 -20.25
N ALA A 52 1.21 -0.59 -19.88
CA ALA A 52 0.49 0.30 -18.92
C ALA A 52 -0.89 -0.23 -18.53
N LEU A 53 -1.42 0.27 -17.43
CA LEU A 53 -2.66 -0.24 -16.85
C LEU A 53 -3.35 0.87 -16.17
N PHE A 54 -4.58 1.12 -16.54
CA PHE A 54 -5.32 2.19 -15.91
C PHE A 54 -6.52 1.60 -15.22
N LEU A 55 -6.60 1.82 -13.92
CA LEU A 55 -7.66 1.30 -13.11
C LEU A 55 -8.44 2.39 -12.43
N ARG A 56 -9.73 2.44 -12.73
CA ARG A 56 -10.61 3.38 -12.07
C ARG A 56 -10.77 2.90 -10.65
N CYS A 57 -10.50 3.77 -9.69
CA CYS A 57 -10.58 3.41 -8.27
C CYS A 57 -11.53 4.31 -7.55
N ASN A 58 -12.13 3.79 -6.48
CA ASN A 58 -12.96 4.58 -5.57
C ASN A 58 -12.85 4.13 -4.11
N ILE A 59 -12.80 5.10 -3.20
CA ILE A 59 -12.70 4.84 -1.76
C ILE A 59 -13.74 5.61 -1.04
N TRP A 60 -14.25 5.08 0.07
CA TRP A 60 -15.38 5.74 0.73
C TRP A 60 -15.01 6.21 2.12
N ARG A 61 -15.87 7.09 2.66
CA ARG A 61 -15.83 7.55 4.06
C ARG A 61 -14.64 8.45 4.42
N GLU A 62 -14.08 8.26 5.62
CA GLU A 62 -12.98 9.10 6.14
C GLU A 62 -11.80 9.10 5.18
N ALA A 63 -11.32 7.91 4.88
CA ALA A 63 -10.19 7.70 3.99
C ALA A 63 -10.26 8.53 2.75
N ALA A 64 -11.46 8.69 2.23
CA ALA A 64 -11.68 9.43 1.02
C ALA A 64 -11.27 10.87 1.25
N GLU A 65 -11.65 11.43 2.39
CA GLU A 65 -11.23 12.81 2.74
C GLU A 65 -9.71 12.99 2.88
N ASN A 66 -9.09 12.07 3.59
CA ASN A 66 -7.63 12.04 3.69
C ASN A 66 -7.00 11.87 2.31
N VAL A 67 -7.57 11.03 1.45
CA VAL A 67 -6.98 10.84 0.15
C VAL A 67 -6.93 12.18 -0.56
N ALA A 68 -8.11 12.81 -0.69
CA ALA A 68 -8.22 14.09 -1.45
C ALA A 68 -7.38 15.23 -0.90
N GLU A 69 -7.02 15.12 0.36
CA GLU A 69 -6.13 16.09 0.97
C GLU A 69 -4.59 15.78 0.85
N SER A 70 -4.23 14.54 0.67
CA SER A 70 -2.86 14.10 0.70
C SER A 70 -2.31 13.91 -0.68
N LEU A 71 -3.14 13.50 -1.64
CA LEU A 71 -2.60 13.07 -2.92
C LEU A 71 -2.98 13.97 -4.00
N THR A 72 -2.15 14.00 -5.04
CA THR A 72 -2.42 14.77 -6.27
C THR A 72 -2.11 13.98 -7.51
N ARG A 73 -2.23 14.66 -8.64
CA ARG A 73 -1.87 14.08 -9.92
C ARG A 73 -0.42 13.74 -9.91
N GLY A 74 -0.07 12.54 -10.36
CA GLY A 74 1.31 12.09 -10.43
C GLY A 74 1.86 11.42 -9.19
N SER A 75 1.13 11.51 -8.08
CA SER A 75 1.56 10.85 -6.87
C SER A 75 1.71 9.31 -7.03
N ARG A 76 2.82 8.73 -6.62
CA ARG A 76 2.98 7.29 -6.62
C ARG A 76 2.32 6.70 -5.39
N VAL A 77 1.23 5.95 -5.60
CA VAL A 77 0.47 5.35 -4.50
C VAL A 77 0.54 3.85 -4.59
N ILE A 78 0.37 3.20 -3.44
CA ILE A 78 0.19 1.77 -3.41
C ILE A 78 -1.27 1.58 -3.02
N VAL A 79 -2.01 0.84 -3.86
CA VAL A 79 -3.44 0.57 -3.68
C VAL A 79 -3.71 -0.92 -3.55
N THR A 80 -4.51 -1.26 -2.54
CA THR A 80 -4.97 -2.62 -2.39
C THR A 80 -6.49 -2.61 -2.34
N GLY A 81 -7.15 -3.55 -2.98
CA GLY A 81 -8.60 -3.58 -3.01
C GLY A 81 -9.29 -4.71 -3.70
N ARG A 82 -10.49 -4.45 -4.19
CA ARG A 82 -11.31 -5.48 -4.81
C ARG A 82 -11.67 -5.13 -6.23
N LEU A 83 -11.58 -6.14 -7.07
CA LEU A 83 -11.80 -5.99 -8.50
C LEU A 83 -13.29 -6.13 -8.82
N LYS A 84 -13.90 -5.02 -9.16
CA LYS A 84 -15.32 -4.95 -9.46
C LYS A 84 -15.43 -4.82 -11.01
N GLN A 85 -16.46 -5.43 -11.56
CA GLN A 85 -16.69 -5.44 -13.01
C GLN A 85 -18.19 -5.31 -13.39
N ARG A 86 -18.45 -4.47 -14.37
CA ARG A 86 -19.79 -4.31 -14.88
C ARG A 86 -19.88 -4.56 -16.39
N SER A 87 -20.93 -5.26 -16.84
CA SER A 87 -21.25 -5.36 -18.28
C SER A 87 -22.32 -4.38 -18.78
N PHE A 88 -21.91 -3.18 -19.19
CA PHE A 88 -22.85 -2.20 -19.69
C PHE A 88 -23.20 -2.42 -21.21
N GLU A 89 -24.33 -1.78 -21.62
CA GLU A 89 -24.90 -1.70 -23.01
C GLU A 89 -25.08 -2.99 -23.85
N THR A 90 -26.01 -2.87 -24.79
CA THR A 90 -26.47 -3.99 -25.63
C THR A 90 -27.61 -3.47 -26.52
N ARG A 91 -28.35 -2.48 -25.98
CA ARG A 91 -29.37 -1.72 -26.70
C ARG A 91 -28.76 -0.78 -27.74
N GLU A 92 -27.41 -0.75 -27.83
CA GLU A 92 -26.66 -0.04 -28.88
C GLU A 92 -26.08 -1.03 -29.94
N GLY A 93 -26.32 -2.33 -29.73
CA GLY A 93 -25.75 -3.39 -30.56
C GLY A 93 -24.51 -4.00 -29.91
N GLU A 94 -23.55 -3.11 -29.56
CA GLU A 94 -22.20 -3.41 -29.00
C GLU A 94 -22.08 -4.60 -27.98
N LYS A 95 -21.41 -4.37 -26.84
CA LYS A 95 -21.20 -5.37 -25.72
C LYS A 95 -20.00 -4.94 -24.86
N ARG A 96 -20.21 -3.86 -24.11
CA ARG A 96 -19.21 -3.19 -23.29
C ARG A 96 -18.98 -3.82 -21.92
N THR A 97 -17.80 -3.59 -21.41
CA THR A 97 -17.43 -4.08 -20.11
C THR A 97 -16.38 -3.14 -19.47
N VAL A 98 -16.51 -2.90 -18.18
CA VAL A 98 -15.59 -2.04 -17.50
C VAL A 98 -15.18 -2.67 -16.20
N VAL A 99 -14.04 -2.24 -15.66
CA VAL A 99 -13.55 -2.74 -14.39
C VAL A 99 -13.24 -1.61 -13.43
N GLU A 100 -13.50 -1.76 -12.14
CA GLU A 100 -13.06 -0.74 -11.16
C GLU A 100 -12.54 -1.42 -9.95
N VAL A 101 -12.01 -0.65 -9.00
CA VAL A 101 -11.38 -1.24 -7.84
C VAL A 101 -11.92 -0.62 -6.61
N GLU A 102 -12.64 -1.36 -5.78
CA GLU A 102 -13.08 -0.85 -4.51
C GLU A 102 -11.94 -0.94 -3.51
N VAL A 103 -11.31 0.19 -3.24
CA VAL A 103 -10.15 0.30 -2.36
C VAL A 103 -10.36 -0.10 -0.91
N ASP A 104 -9.42 -0.84 -0.31
CA ASP A 104 -9.41 -1.15 1.13
C ASP A 104 -8.40 -0.23 1.86
N GLU A 105 -7.16 -0.26 1.38
CA GLU A 105 -6.07 0.52 1.94
C GLU A 105 -5.35 1.21 0.81
N ILE A 106 -4.78 2.36 1.08
CA ILE A 106 -4.04 3.11 0.09
C ILE A 106 -3.10 4.05 0.81
N GLY A 107 -1.91 4.20 0.24
CA GLY A 107 -0.94 5.12 0.76
C GLY A 107 0.04 5.57 -0.29
N PRO A 108 0.72 6.69 -0.03
CA PRO A 108 1.74 7.16 -0.97
C PRO A 108 2.94 6.24 -0.82
N SER A 109 3.69 6.05 -1.88
CA SER A 109 4.91 5.24 -1.77
C SER A 109 6.12 6.06 -1.38
N LEU A 110 6.94 5.48 -0.50
CA LEU A 110 8.16 6.12 -0.02
C LEU A 110 9.35 5.59 -0.77
N ARG A 111 9.12 5.13 -1.99
CA ARG A 111 10.22 4.64 -2.84
C ARG A 111 11.10 5.79 -3.40
N TYR A 112 10.45 6.87 -3.83
CA TYR A 112 11.09 8.04 -4.43
C TYR A 112 10.65 9.31 -3.67
N ALA A 113 10.11 9.15 -2.48
CA ALA A 113 9.58 10.28 -1.73
C ALA A 113 9.64 10.05 -0.27
N THR A 114 9.60 11.15 0.47
CA THR A 114 9.43 11.13 1.90
C THR A 114 8.19 11.91 2.20
N ALA A 115 7.50 11.55 3.27
CA ALA A 115 6.29 12.25 3.65
C ALA A 115 6.18 12.42 5.15
N LYS A 116 5.63 13.57 5.55
CA LYS A 116 5.40 13.84 6.96
C LYS A 116 3.97 13.43 7.27
N VAL A 117 3.86 12.35 8.00
CA VAL A 117 2.58 11.75 8.26
C VAL A 117 1.89 12.45 9.42
N ASN A 118 1.15 13.53 9.14
CA ASN A 118 0.38 14.25 10.19
C ASN A 118 -0.62 13.27 10.80
N LYS A 119 -0.12 12.66 11.88
CA LYS A 119 -0.79 11.67 12.72
C LYS A 119 -2.34 11.68 12.83
N ALA A 120 -2.96 12.87 12.90
CA ALA A 120 -4.41 12.97 13.03
C ALA A 120 -4.99 11.89 14.01
N GLY B 3 10.33 -16.22 -10.55
CA GLY B 3 8.99 -16.23 -9.85
C GLY B 3 9.14 -16.43 -8.34
N ASP B 4 9.06 -15.30 -7.61
CA ASP B 4 9.16 -15.22 -6.14
C ASP B 4 7.77 -15.25 -5.54
N THR B 5 7.74 -15.40 -4.23
CA THR B 5 6.48 -15.35 -3.52
C THR B 5 6.33 -13.98 -2.82
N THR B 6 5.40 -13.17 -3.33
CA THR B 6 5.19 -11.84 -2.83
C THR B 6 3.97 -11.81 -2.05
N ILE B 7 3.86 -10.75 -1.25
CA ILE B 7 2.72 -10.49 -0.39
C ILE B 7 2.58 -9.03 -0.01
N THR B 8 1.34 -8.66 0.25
CA THR B 8 0.96 -7.37 0.74
C THR B 8 0.55 -7.50 2.20
N VAL B 9 1.18 -6.72 3.05
CA VAL B 9 0.93 -6.68 4.48
C VAL B 9 0.50 -5.31 4.90
N VAL B 10 -0.64 -5.25 5.54
CA VAL B 10 -1.11 -4.01 6.17
C VAL B 10 -1.06 -4.17 7.66
N GLY B 11 -0.50 -3.20 8.35
CA GLY B 11 -0.39 -3.33 9.78
C GLY B 11 0.28 -2.12 10.39
N ASN B 12 0.82 -2.25 11.61
CA ASN B 12 1.51 -1.16 12.24
C ASN B 12 2.90 -1.55 12.60
N LEU B 13 3.83 -0.58 12.54
CA LEU B 13 5.23 -0.76 12.99
C LEU B 13 5.31 -0.93 14.52
N THR B 14 5.84 -2.06 14.98
CA THR B 14 5.99 -2.29 16.41
C THR B 14 6.80 -1.24 17.11
N ALA B 15 7.76 -0.66 16.41
CA ALA B 15 8.56 0.40 16.98
C ALA B 15 9.03 1.36 15.90
N ASP B 16 10.02 2.20 16.21
CA ASP B 16 10.64 3.09 15.21
C ASP B 16 11.54 2.31 14.24
N PRO B 17 11.66 2.78 13.01
CA PRO B 17 12.52 2.09 12.06
C PRO B 17 13.95 2.12 12.54
N GLU B 18 14.65 1.02 12.33
CA GLU B 18 16.03 0.90 12.75
C GLU B 18 16.98 1.01 11.52
N LEU B 19 17.68 2.14 11.43
CA LEU B 19 18.61 2.44 10.34
C LEU B 19 20.09 2.25 10.71
N ARG B 20 20.76 1.38 9.99
CA ARG B 20 22.15 1.16 10.16
C ARG B 20 22.78 1.32 8.77
N PHE B 21 24.07 0.96 8.67
CA PHE B 21 24.80 1.05 7.43
C PHE B 21 25.73 -0.12 7.19
N THR B 22 25.76 -0.68 5.98
CA THR B 22 26.71 -1.71 5.70
C THR B 22 28.13 -1.09 5.68
N PRO B 23 29.18 -1.91 5.76
CA PRO B 23 30.52 -1.37 5.67
C PRO B 23 30.76 -0.45 4.49
N SER B 24 30.17 -0.77 3.34
CA SER B 24 30.38 -0.01 2.10
C SER B 24 29.57 1.29 2.07
N GLY B 25 28.60 1.42 2.95
CA GLY B 25 27.88 2.68 3.06
C GLY B 25 26.40 2.65 2.79
N ALA B 26 25.96 1.64 2.05
CA ALA B 26 24.55 1.43 1.79
C ALA B 26 23.77 1.37 3.09
N ALA B 27 22.64 2.08 3.13
CA ALA B 27 21.73 2.10 4.24
C ALA B 27 20.77 0.90 4.25
N VAL B 28 20.35 0.50 5.45
CA VAL B 28 19.39 -0.58 5.63
C VAL B 28 18.50 -0.21 6.77
N ALA B 29 17.21 -0.39 6.59
CA ALA B 29 16.24 -0.25 7.66
C ALA B 29 15.52 -1.60 7.88
N ASN B 30 15.26 -1.91 9.14
CA ASN B 30 14.58 -3.14 9.57
C ASN B 30 13.47 -2.71 10.53
N PHE B 31 12.41 -3.51 10.55
CA PHE B 31 11.24 -3.28 11.43
C PHE B 31 10.32 -4.47 11.27
N THR B 32 9.41 -4.60 12.22
CA THR B 32 8.35 -5.56 12.09
C THR B 32 7.02 -4.83 11.98
N VAL B 33 6.13 -5.45 11.24
CA VAL B 33 4.81 -4.95 11.08
C VAL B 33 3.91 -5.92 11.81
N ALA B 34 2.82 -5.41 12.35
CA ALA B 34 1.86 -6.20 13.09
C ALA B 34 0.51 -6.15 12.41
N SER B 35 0.15 -7.22 11.71
CA SER B 35 -1.15 -7.36 11.04
C SER B 35 -2.15 -8.03 11.95
N THR B 36 -3.18 -7.32 12.40
CA THR B 36 -4.22 -7.97 13.22
C THR B 36 -5.55 -8.11 12.49
N PRO B 37 -5.94 -9.33 12.17
CA PRO B 37 -7.22 -9.55 11.54
C PRO B 37 -8.32 -9.51 12.59
N ARG B 38 -9.53 -9.25 12.09
CA ARG B 38 -10.74 -9.18 12.92
C ARG B 38 -11.73 -10.31 12.56
N MET B 39 -11.98 -11.20 13.52
CA MET B 39 -12.87 -12.36 13.32
C MET B 39 -14.28 -11.93 13.76
N PHE B 40 -15.30 -12.32 12.97
CA PHE B 40 -16.70 -11.87 13.19
C PHE B 40 -17.47 -12.30 14.49
N ASP B 41 -17.36 -13.57 14.89
CA ASP B 41 -17.97 -14.13 16.12
C ASP B 41 -19.50 -14.15 16.11
N ARG B 42 -20.09 -14.92 15.18
CA ARG B 42 -21.55 -15.06 14.98
C ARG B 42 -22.33 -15.48 16.24
N GLN B 43 -21.97 -14.86 17.36
CA GLN B 43 -22.52 -15.14 18.68
C GLN B 43 -21.75 -14.20 19.59
N SER B 44 -22.47 -13.41 20.39
CA SER B 44 -21.87 -12.51 21.41
C SER B 44 -20.75 -11.62 20.87
N GLY B 45 -20.95 -10.31 21.00
CA GLY B 45 -20.04 -9.32 20.45
C GLY B 45 -20.07 -9.34 18.93
N GLU B 46 -19.67 -8.23 18.32
CA GLU B 46 -19.51 -8.18 16.88
C GLU B 46 -18.07 -8.63 16.58
N TRP B 47 -17.45 -8.03 15.57
CA TRP B 47 -16.13 -8.43 15.10
C TRP B 47 -15.10 -8.29 16.25
N LYS B 48 -14.32 -9.34 16.53
CA LYS B 48 -13.28 -9.28 17.56
C LYS B 48 -11.90 -9.11 16.96
N ASP B 49 -10.87 -9.22 17.79
CA ASP B 49 -9.48 -9.15 17.34
C ASP B 49 -8.94 -10.56 17.14
N GLY B 50 -8.28 -10.78 16.01
CA GLY B 50 -7.89 -12.14 15.62
C GLY B 50 -6.45 -12.43 15.93
N GLU B 51 -5.85 -13.31 15.11
CA GLU B 51 -4.43 -13.60 15.19
C GLU B 51 -3.51 -12.39 15.27
N ALA B 52 -2.24 -12.60 15.49
CA ALA B 52 -1.21 -11.58 15.73
C ALA B 52 -0.54 -11.16 14.43
N LEU B 53 0.34 -12.09 13.99
CA LEU B 53 1.14 -11.90 12.77
C LEU B 53 2.12 -10.75 12.83
N PHE B 54 3.36 -11.12 13.16
CA PHE B 54 4.47 -10.19 13.29
C PHE B 54 5.43 -10.52 12.15
N LEU B 55 5.58 -9.59 11.23
CA LEU B 55 6.50 -9.77 10.12
C LEU B 55 7.68 -8.77 10.13
N ARG B 56 8.88 -9.32 10.13
CA ARG B 56 10.08 -8.55 10.06
C ARG B 56 10.44 -8.25 8.60
N CYS B 57 10.31 -6.98 8.24
CA CYS B 57 10.72 -6.53 6.93
C CYS B 57 12.00 -5.72 7.01
N ASN B 58 12.84 -5.92 6.01
CA ASN B 58 14.04 -5.15 5.88
C ASN B 58 14.05 -4.50 4.44
N ILE B 59 14.38 -3.20 4.35
CA ILE B 59 14.43 -2.42 3.11
C ILE B 59 15.79 -1.80 2.90
N TRP B 60 16.12 -1.46 1.65
CA TRP B 60 17.50 -1.05 1.31
C TRP B 60 17.80 0.33 0.74
N ARG B 61 19.08 0.56 0.53
CA ARG B 61 19.65 1.84 0.12
C ARG B 61 18.74 3.04 0.28
N GLU B 62 18.57 3.82 -0.73
CA GLU B 62 17.96 5.13 -0.53
C GLU B 62 16.45 5.11 -0.19
N ALA B 63 15.76 4.00 -0.40
CA ALA B 63 14.33 3.89 0.01
C ALA B 63 14.18 3.67 1.50
N ALA B 64 15.19 3.00 2.07
CA ALA B 64 15.28 2.81 3.48
C ALA B 64 15.57 4.15 4.18
N GLU B 65 16.25 5.02 3.45
CA GLU B 65 16.62 6.30 4.03
C GLU B 65 15.30 6.98 4.18
N ASN B 66 14.42 6.80 3.19
CA ASN B 66 13.13 7.54 3.17
C ASN B 66 12.19 7.09 4.29
N VAL B 67 12.28 5.81 4.60
CA VAL B 67 11.43 5.17 5.58
C VAL B 67 11.81 5.70 6.92
N ALA B 68 13.12 5.74 7.18
CA ALA B 68 13.63 6.22 8.47
C ALA B 68 13.27 7.65 8.73
N GLU B 69 12.93 8.38 7.68
CA GLU B 69 12.64 9.79 7.83
C GLU B 69 11.18 10.12 7.93
N SER B 70 10.32 9.15 7.56
CA SER B 70 8.85 9.35 7.42
C SER B 70 8.03 8.53 8.37
N LEU B 71 8.49 7.34 8.74
CA LEU B 71 7.69 6.47 9.58
C LEU B 71 8.23 6.34 11.00
N THR B 72 7.30 6.12 11.91
CA THR B 72 7.62 5.95 13.34
C THR B 72 6.91 4.75 14.01
N ARG B 73 7.08 4.66 15.32
CA ARG B 73 6.43 3.67 16.15
C ARG B 73 4.96 3.74 15.83
N GLY B 74 4.38 2.58 15.74
CA GLY B 74 2.96 2.46 15.49
C GLY B 74 2.34 3.26 14.35
N SER B 75 2.94 3.24 13.17
CA SER B 75 2.29 3.78 12.02
C SER B 75 1.66 2.61 11.30
N ARG B 76 0.56 2.93 10.63
CA ARG B 76 -0.17 1.99 9.81
C ARG B 76 0.50 2.12 8.47
N VAL B 77 1.01 1.03 7.93
CA VAL B 77 1.65 1.08 6.66
C VAL B 77 1.10 0.05 5.67
N ILE B 78 1.37 0.19 4.39
CA ILE B 78 1.03 -0.84 3.40
C ILE B 78 2.38 -1.29 2.89
N VAL B 79 2.59 -2.59 2.78
CA VAL B 79 3.87 -3.09 2.39
C VAL B 79 3.70 -4.17 1.34
N THR B 80 4.57 -4.16 0.36
CA THR B 80 4.56 -5.19 -0.64
C THR B 80 5.98 -5.58 -0.79
N GLY B 81 6.24 -6.87 -0.92
CA GLY B 81 7.59 -7.41 -0.80
C GLY B 81 7.73 -8.88 -1.18
N ARG B 82 8.85 -9.50 -0.88
CA ARG B 82 9.07 -10.88 -1.24
C ARG B 82 9.31 -11.59 0.04
N LEU B 83 8.93 -12.85 0.11
CA LEU B 83 9.12 -13.62 1.32
C LEU B 83 10.45 -14.26 1.21
N LYS B 84 11.33 -13.96 2.15
CA LYS B 84 12.66 -14.58 2.22
C LYS B 84 12.75 -15.52 3.42
N GLN B 85 13.68 -16.44 3.35
CA GLN B 85 13.90 -17.31 4.49
C GLN B 85 15.36 -17.32 4.91
N ARG B 86 15.63 -17.02 6.18
CA ARG B 86 17.01 -16.97 6.69
C ARG B 86 17.35 -18.11 7.66
N SER B 87 18.64 -18.51 7.69
CA SER B 87 19.18 -19.55 8.61
C SER B 87 19.96 -18.93 9.79
N PHE B 88 19.47 -19.10 11.01
CA PHE B 88 20.15 -18.65 12.26
C PHE B 88 20.71 -19.85 13.05
N GLU B 89 21.87 -19.66 13.72
CA GLU B 89 22.55 -20.73 14.48
C GLU B 89 22.11 -20.90 15.96
N THR B 90 21.73 -22.13 16.32
CA THR B 90 21.31 -22.50 17.71
C THR B 90 22.40 -22.20 18.80
N ARG B 91 22.10 -22.54 20.07
CA ARG B 91 22.97 -22.35 21.29
C ARG B 91 22.81 -21.03 22.06
N LYS B 95 19.25 -25.87 14.60
CA LYS B 95 19.37 -24.58 13.89
C LYS B 95 18.41 -24.60 12.68
N ARG B 96 17.30 -23.86 12.79
CA ARG B 96 16.23 -23.84 11.76
C ARG B 96 16.13 -22.54 10.93
N THR B 97 14.91 -22.10 10.62
CA THR B 97 14.73 -20.90 9.77
C THR B 97 13.82 -19.75 10.34
N VAL B 98 13.83 -18.61 9.65
CA VAL B 98 12.96 -17.49 9.99
C VAL B 98 12.38 -16.97 8.68
N VAL B 99 11.27 -16.23 8.74
CA VAL B 99 10.69 -15.69 7.53
C VAL B 99 10.58 -14.19 7.62
N GLU B 100 11.18 -13.50 6.64
CA GLU B 100 11.16 -12.03 6.60
C GLU B 100 10.64 -11.58 5.27
N VAL B 101 10.48 -10.28 5.17
CA VAL B 101 9.88 -9.68 3.98
C VAL B 101 10.96 -8.70 3.41
N GLU B 102 11.45 -8.97 2.21
CA GLU B 102 12.28 -8.03 1.53
C GLU B 102 11.34 -7.04 0.88
N VAL B 103 11.34 -5.79 1.34
CA VAL B 103 10.37 -4.80 0.89
C VAL B 103 10.64 -4.27 -0.51
N ASP B 104 9.60 -4.20 -1.34
CA ASP B 104 9.69 -3.56 -2.65
C ASP B 104 9.19 -2.14 -2.52
N GLU B 105 7.95 -2.00 -2.07
CA GLU B 105 7.34 -0.69 -1.81
C GLU B 105 6.65 -0.66 -0.45
N ILE B 106 6.45 0.54 0.06
CA ILE B 106 5.89 0.74 1.37
C ILE B 106 5.48 2.17 1.51
N GLY B 107 4.46 2.42 2.30
CA GLY B 107 3.97 3.76 2.50
C GLY B 107 2.95 3.89 3.62
N PRO B 108 2.82 5.07 4.21
CA PRO B 108 1.81 5.26 5.25
C PRO B 108 0.37 5.16 4.70
N SER B 109 -0.44 4.35 5.35
CA SER B 109 -1.82 4.19 4.91
C SER B 109 -2.60 5.41 5.29
N LEU B 110 -3.37 5.96 4.38
CA LEU B 110 -4.21 7.11 4.66
C LEU B 110 -5.60 6.79 5.25
N ARG B 111 -5.73 5.61 5.82
CA ARG B 111 -6.98 5.14 6.45
C ARG B 111 -7.42 6.07 7.56
N TYR B 112 -6.59 6.18 8.59
CA TYR B 112 -6.85 7.07 9.71
C TYR B 112 -5.88 8.27 9.77
N ALA B 113 -4.99 8.42 8.80
CA ALA B 113 -4.08 9.56 8.80
C ALA B 113 -3.93 10.18 7.43
N THR B 114 -3.56 11.46 7.41
CA THR B 114 -3.26 12.23 6.19
C THR B 114 -1.76 12.46 6.10
N ALA B 115 -1.22 12.64 4.90
CA ALA B 115 0.22 12.79 4.68
C ALA B 115 0.64 13.90 3.72
N LYS B 116 1.82 14.42 3.96
CA LYS B 116 2.36 15.56 3.24
C LYS B 116 3.57 15.02 2.51
N VAL B 117 3.42 14.82 1.21
CA VAL B 117 4.41 14.12 0.41
C VAL B 117 5.40 15.09 -0.22
N ASN B 118 6.65 14.65 -0.37
CA ASN B 118 7.71 15.39 -1.04
C ASN B 118 8.43 14.47 -2.01
N LYS B 119 8.51 14.82 -3.28
CA LYS B 119 9.22 13.99 -4.25
C LYS B 119 10.70 14.34 -4.23
N ALA B 120 11.53 13.41 -4.69
CA ALA B 120 12.98 13.60 -4.71
C ALA B 120 13.43 13.97 -6.11
CD CD C . -18.33 1.85 -10.44
#